data_4NI9
#
_entry.id   4NI9
#
_cell.length_a   69.020
_cell.length_b   69.020
_cell.length_c   108.470
_cell.angle_alpha   90.00
_cell.angle_beta   90.00
_cell.angle_gamma   120.00
#
_symmetry.space_group_name_H-M   'P 32'
#
loop_
_entity.id
_entity.type
_entity.pdbx_description
1 polymer 'SOMAmer SL1025'
2 polymer Interleukin-6
3 non-polymer 'SODIUM ION'
4 water water
#
loop_
_entity_poly.entity_id
_entity_poly.type
_entity_poly.pdbx_seq_one_letter_code
_entity_poly.pdbx_strand_id
1 'polydeoxyribonucleotide'
;(DG)(DG)(OMC)(DA)(DG)(OMG)(DUZ)(DUZ)(UPE)(DG)(DG)(2JU)(DA)(DUZ)(DUZ)(A2M)(DA)
(DC)(A2M)(OMC)(DG)(DUZ)(DUZ)(DA)(DA)(DG)(DUZ)(OMC)(DG)(DUZ)(DG)(DG)
;
B,D
2 'polypeptide(L)'
;MAPVPPGEDSKDVAAPHRQPLTSSERIDKQIRYILDGISALRKETCNKSNMCESSKEALAENNLNLPKMAEKDGCFQSGF
NEETCLVKIITGLLEFEVYLEYLQNRFESSEEQARAVQMSTKVLIQFLQKKAKNLDAITTPDPTTNASLLTKLQAQNQWL
QDMTTHLILRSFKEFLQSSLRALRQM
;
A,C
#
# COMPACT_ATOMS: atom_id res chain seq x y z
N PRO B 16 -33.87 0.70 -5.29
CA PRO B 16 -32.73 1.52 -5.65
C PRO B 16 -32.59 2.78 -4.78
N HIS B 17 -31.49 2.89 -4.05
CA HIS B 17 -31.33 3.96 -3.08
C HIS B 17 -29.95 4.63 -3.01
N ARG B 18 -29.89 5.83 -3.58
CA ARG B 18 -28.83 6.82 -3.36
C ARG B 18 -29.18 8.07 -4.17
N GLN B 19 -29.12 9.23 -3.51
CA GLN B 19 -29.38 10.50 -4.20
C GLN B 19 -28.14 10.95 -4.96
N PRO B 20 -28.29 11.27 -6.26
CA PRO B 20 -27.21 11.78 -7.11
C PRO B 20 -26.83 13.23 -6.77
N LEU B 21 -25.55 13.45 -6.49
CA LEU B 21 -25.07 14.68 -5.86
C LEU B 21 -24.42 15.67 -6.84
N THR B 22 -24.41 16.95 -6.48
CA THR B 22 -23.68 18.01 -7.20
C THR B 22 -22.19 18.06 -6.78
N SER B 23 -21.39 18.87 -7.48
CA SER B 23 -19.94 18.97 -7.19
C SER B 23 -19.64 19.33 -5.73
N SER B 24 -20.33 20.35 -5.22
CA SER B 24 -20.15 20.86 -3.86
C SER B 24 -20.50 19.81 -2.82
N GLU B 25 -21.68 19.21 -2.97
CA GLU B 25 -22.11 18.15 -2.07
C GLU B 25 -21.08 17.02 -2.02
N ARG B 26 -20.73 16.49 -3.21
CA ARG B 26 -19.68 15.48 -3.36
C ARG B 26 -18.37 15.86 -2.67
N ILE B 27 -17.87 17.06 -2.95
CA ILE B 27 -16.64 17.57 -2.34
C ILE B 27 -16.82 17.73 -0.83
N ASP B 28 -17.94 18.29 -0.41
CA ASP B 28 -18.25 18.48 1.01
C ASP B 28 -18.18 17.15 1.75
N LYS B 29 -18.94 16.17 1.28
CA LYS B 29 -18.96 14.80 1.82
C LYS B 29 -17.56 14.19 1.92
N GLN B 30 -16.74 14.40 0.89
CA GLN B 30 -15.36 13.86 0.87
C GLN B 30 -14.50 14.40 2.01
N ILE B 31 -14.51 15.71 2.21
CA ILE B 31 -13.77 16.33 3.30
C ILE B 31 -14.25 15.80 4.63
N ARG B 32 -15.57 15.74 4.81
CA ARG B 32 -16.11 15.12 6.00
C ARG B 32 -15.60 13.67 6.14
N TYR B 33 -15.55 12.94 5.02
CA TYR B 33 -14.96 11.60 5.04
C TYR B 33 -13.52 11.64 5.51
N ILE B 34 -12.76 12.62 5.03
CA ILE B 34 -11.36 12.66 5.42
C ILE B 34 -11.19 13.13 6.86
N LEU B 35 -11.90 14.18 7.27
CA LEU B 35 -11.82 14.61 8.67
C LEU B 35 -12.17 13.49 9.65
N ASP B 36 -13.18 12.69 9.35
CA ASP B 36 -13.53 11.55 10.20
C ASP B 36 -12.35 10.55 10.29
N GLY B 37 -11.86 10.12 9.13
CA GLY B 37 -10.69 9.23 9.03
C GLY B 37 -9.49 9.69 9.84
N ILE B 38 -9.01 10.91 9.58
CA ILE B 38 -7.94 11.54 10.36
C ILE B 38 -8.19 11.43 11.86
N SER B 39 -9.41 11.76 12.28
CA SER B 39 -9.77 11.71 13.70
C SER B 39 -9.67 10.28 14.26
N ALA B 40 -9.93 9.28 13.41
CA ALA B 40 -9.79 7.88 13.82
C ALA B 40 -8.32 7.45 13.75
N LEU B 41 -7.44 8.39 13.40
CA LEU B 41 -5.99 8.23 13.54
C LEU B 41 -5.43 9.10 14.67
N ARG B 42 -6.16 10.17 15.02
CA ARG B 42 -5.78 10.99 16.17
C ARG B 42 -6.07 10.21 17.45
N LYS B 43 -7.20 9.52 17.47
CA LYS B 43 -7.57 8.60 18.57
C LYS B 43 -6.68 7.35 18.64
N GLU B 44 -6.23 6.85 17.49
CA GLU B 44 -5.42 5.62 17.45
C GLU B 44 -3.90 5.88 17.52
N THR B 45 -3.51 6.90 18.29
CA THR B 45 -2.11 7.32 18.43
C THR B 45 -1.68 7.46 19.90
N ASN B 63 11.64 22.93 11.99
CA ASN B 63 11.97 21.89 11.02
C ASN B 63 10.78 21.61 10.10
N LEU B 64 9.59 21.51 10.69
CA LEU B 64 8.34 21.21 9.98
C LEU B 64 7.74 22.48 9.39
N ASN B 65 7.58 22.50 8.06
CA ASN B 65 6.95 23.65 7.38
C ASN B 65 5.67 23.23 6.65
N LEU B 66 4.68 22.80 7.42
CA LEU B 66 3.42 22.29 6.87
C LEU B 66 2.44 23.41 6.51
N PRO B 67 1.86 23.35 5.28
CA PRO B 67 0.80 24.24 4.81
C PRO B 67 -0.24 24.61 5.87
N LYS B 68 -0.26 25.89 6.24
CA LYS B 68 -1.30 26.48 7.08
C LYS B 68 -1.95 27.58 6.27
N MET B 69 -3.28 27.63 6.28
CA MET B 69 -4.02 28.67 5.54
C MET B 69 -3.58 30.06 5.96
N ALA B 70 -3.54 30.97 4.98
CA ALA B 70 -3.22 32.36 5.24
C ALA B 70 -4.29 33.27 4.63
N GLU B 71 -4.35 34.51 5.12
CA GLU B 71 -5.35 35.50 4.70
C GLU B 71 -5.11 35.98 3.25
N LYS B 72 -3.86 35.97 2.82
CA LYS B 72 -3.46 36.32 1.46
C LYS B 72 -3.97 35.32 0.42
N ASP B 73 -4.23 34.10 0.87
CA ASP B 73 -4.73 33.03 0.00
C ASP B 73 -6.23 33.16 -0.26
N GLY B 74 -6.92 33.87 0.65
CA GLY B 74 -8.31 34.22 0.46
C GLY B 74 -9.27 33.09 0.75
N CYS B 75 -9.07 32.42 1.88
CA CYS B 75 -9.95 31.34 2.31
C CYS B 75 -10.81 31.69 3.54
N PHE B 76 -10.45 32.78 4.22
CA PHE B 76 -11.23 33.29 5.35
C PHE B 76 -12.16 34.39 4.89
N GLN B 77 -13.12 34.77 5.73
CA GLN B 77 -14.09 35.81 5.37
C GLN B 77 -13.42 37.15 5.05
N SER B 78 -12.40 37.49 5.83
CA SER B 78 -11.58 38.67 5.59
C SER B 78 -10.69 38.43 4.38
N GLY B 79 -10.91 39.23 3.33
CA GLY B 79 -10.15 39.11 2.08
C GLY B 79 -10.46 37.84 1.30
N PHE B 80 -11.71 37.40 1.37
CA PHE B 80 -12.19 36.20 0.68
C PHE B 80 -11.99 36.28 -0.84
N ASN B 81 -11.67 35.14 -1.46
CA ASN B 81 -11.47 35.06 -2.92
C ASN B 81 -11.60 33.64 -3.48
N GLU B 82 -12.69 33.41 -4.22
CA GLU B 82 -13.02 32.09 -4.78
C GLU B 82 -11.97 31.51 -5.74
N GLU B 83 -11.26 32.39 -6.44
CA GLU B 83 -10.20 31.96 -7.35
C GLU B 83 -8.90 31.63 -6.59
N THR B 84 -8.40 32.60 -5.82
CA THR B 84 -7.11 32.49 -5.11
C THR B 84 -7.07 31.35 -4.11
N CYS B 85 -8.20 31.13 -3.43
CA CYS B 85 -8.32 30.11 -2.41
C CYS B 85 -8.29 28.70 -2.97
N LEU B 86 -9.05 28.46 -4.04
CA LEU B 86 -9.12 27.14 -4.67
C LEU B 86 -7.73 26.66 -5.09
N VAL B 87 -6.92 27.57 -5.62
CA VAL B 87 -5.51 27.32 -5.93
C VAL B 87 -4.71 26.92 -4.68
N LYS B 88 -4.95 27.62 -3.58
CA LYS B 88 -4.26 27.31 -2.32
C LYS B 88 -4.66 25.93 -1.79
N ILE B 89 -5.92 25.55 -2.00
CA ILE B 89 -6.41 24.24 -1.52
C ILE B 89 -5.77 23.10 -2.30
N ILE B 90 -5.81 23.19 -3.63
CA ILE B 90 -5.24 22.16 -4.50
C ILE B 90 -3.72 22.09 -4.36
N THR B 91 -3.05 23.24 -4.38
CA THR B 91 -1.62 23.33 -4.12
C THR B 91 -1.28 22.69 -2.79
N GLY B 92 -2.01 23.09 -1.75
CA GLY B 92 -1.81 22.63 -0.40
C GLY B 92 -1.98 21.13 -0.29
N LEU B 93 -3.16 20.64 -0.63
CA LEU B 93 -3.46 19.21 -0.54
C LEU B 93 -2.34 18.41 -1.17
N LEU B 94 -1.89 18.85 -2.35
CA LEU B 94 -0.81 18.19 -3.11
C LEU B 94 0.49 18.12 -2.33
N GLU B 95 0.72 19.12 -1.48
CA GLU B 95 1.94 19.19 -0.70
C GLU B 95 1.86 18.27 0.51
N PHE B 96 0.64 17.87 0.87
CA PHE B 96 0.39 17.00 2.00
C PHE B 96 0.57 15.52 1.69
N GLU B 97 0.54 15.17 0.40
CA GLU B 97 0.61 13.77 -0.04
C GLU B 97 1.84 13.02 0.46
N VAL B 98 3.01 13.65 0.34
CA VAL B 98 4.26 13.09 0.87
C VAL B 98 4.18 12.84 2.38
N TYR B 99 3.64 13.79 3.13
CA TYR B 99 3.48 13.64 4.57
C TYR B 99 2.42 12.59 4.92
N LEU B 100 1.49 12.36 3.99
CA LEU B 100 0.58 11.24 4.09
C LEU B 100 1.29 9.91 3.78
N GLU B 101 2.12 9.88 2.74
CA GLU B 101 2.98 8.73 2.50
C GLU B 101 3.78 8.43 3.75
N TYR B 102 4.36 9.45 4.35
CA TYR B 102 5.08 9.30 5.61
C TYR B 102 4.27 8.53 6.64
N LEU B 103 3.05 8.99 6.90
CA LEU B 103 2.16 8.38 7.90
C LEU B 103 1.89 6.88 7.70
N GLN B 104 2.11 6.38 6.48
CA GLN B 104 1.91 4.96 6.16
C GLN B 104 2.81 4.04 6.99
N ASN B 105 4.13 4.18 6.81
CA ASN B 105 5.08 3.42 7.61
C ASN B 105 5.21 3.98 9.04
N ARG B 106 4.10 4.48 9.59
CA ARG B 106 4.04 5.02 10.95
C ARG B 106 2.93 4.40 11.80
N PHE B 107 1.93 3.79 11.16
CA PHE B 107 0.78 3.25 11.89
C PHE B 107 0.61 1.74 11.82
N GLU B 108 1.63 1.01 12.28
CA GLU B 108 1.63 -0.46 12.25
C GLU B 108 0.48 -1.14 13.02
N SER B 109 -0.53 -0.37 13.41
CA SER B 109 -1.73 -0.93 14.06
C SER B 109 -3.03 -0.44 13.40
N SER B 110 -2.90 0.50 12.47
CA SER B 110 -4.02 1.10 11.74
C SER B 110 -3.70 1.29 10.25
N GLU B 111 -3.12 0.27 9.64
CA GLU B 111 -2.61 0.32 8.26
C GLU B 111 -3.65 0.75 7.21
N GLU B 112 -4.71 -0.03 7.06
CA GLU B 112 -5.76 0.28 6.06
C GLU B 112 -6.41 1.65 6.23
N GLN B 113 -6.52 2.10 7.48
CA GLN B 113 -7.14 3.37 7.74
C GLN B 113 -6.26 4.51 7.24
N ALA B 114 -4.95 4.38 7.47
CA ALA B 114 -3.99 5.39 7.06
C ALA B 114 -3.83 5.39 5.56
N ARG B 115 -4.09 4.24 4.95
CA ARG B 115 -4.16 4.15 3.50
C ARG B 115 -5.42 4.86 3.01
N ALA B 116 -6.56 4.61 3.65
CA ALA B 116 -7.81 5.26 3.25
C ALA B 116 -7.80 6.78 3.39
N VAL B 117 -6.96 7.32 4.27
CA VAL B 117 -6.77 8.77 4.26
C VAL B 117 -5.92 9.20 3.05
N GLN B 118 -4.89 8.42 2.74
CA GLN B 118 -4.04 8.71 1.59
C GLN B 118 -4.85 8.74 0.27
N MET B 119 -5.63 7.68 0.03
CA MET B 119 -6.38 7.56 -1.22
C MET B 119 -7.54 8.55 -1.33
N SER B 120 -8.25 8.76 -0.23
CA SER B 120 -9.35 9.72 -0.20
C SER B 120 -8.89 11.13 -0.50
N THR B 121 -7.67 11.46 -0.08
CA THR B 121 -7.06 12.77 -0.37
C THR B 121 -6.79 12.87 -1.86
N LYS B 122 -6.13 11.86 -2.44
CA LYS B 122 -6.01 11.77 -3.89
C LYS B 122 -7.35 11.95 -4.54
N VAL B 123 -8.33 11.16 -4.11
CA VAL B 123 -9.71 11.30 -4.60
C VAL B 123 -10.17 12.74 -4.46
N LEU B 124 -9.96 13.37 -3.31
CA LEU B 124 -10.33 14.76 -3.11
C LEU B 124 -9.64 15.69 -4.10
N ILE B 125 -8.33 15.54 -4.24
CA ILE B 125 -7.54 16.34 -5.19
C ILE B 125 -8.07 16.25 -6.63
N GLN B 126 -8.80 15.19 -6.94
CA GLN B 126 -9.35 15.06 -8.28
C GLN B 126 -10.73 15.70 -8.42
N PHE B 127 -11.47 15.83 -7.31
CA PHE B 127 -12.77 16.50 -7.39
C PHE B 127 -12.57 18.01 -7.46
N LEU B 128 -11.52 18.48 -6.80
CA LEU B 128 -11.18 19.90 -6.80
C LEU B 128 -10.48 20.34 -8.10
N GLN B 129 -10.09 19.38 -8.95
CA GLN B 129 -9.48 19.71 -10.25
C GLN B 129 -10.49 19.81 -11.41
N LYS B 130 -11.69 19.27 -11.21
CA LYS B 130 -12.78 19.45 -12.17
C LYS B 130 -13.21 20.90 -12.13
N LYS B 131 -13.74 21.32 -10.97
CA LYS B 131 -14.13 22.69 -10.66
C LYS B 131 -13.29 23.76 -11.36
N ALA B 132 -11.96 23.57 -11.36
CA ALA B 132 -11.02 24.48 -12.00
C ALA B 132 -10.51 23.93 -13.35
N PRO B 143 9.16 15.92 -6.09
CA PRO B 143 9.12 14.50 -6.46
C PRO B 143 10.29 13.71 -5.86
N THR B 144 11.50 14.26 -5.99
CA THR B 144 12.69 13.69 -5.34
C THR B 144 13.23 14.59 -4.22
N THR B 145 12.76 15.82 -4.19
CA THR B 145 12.83 16.69 -3.01
C THR B 145 12.00 16.01 -1.93
N ASN B 146 10.92 15.37 -2.36
CA ASN B 146 10.10 14.49 -1.51
C ASN B 146 10.90 13.27 -1.05
N ALA B 147 11.53 12.58 -2.00
CA ALA B 147 12.32 11.38 -1.70
C ALA B 147 13.34 11.66 -0.59
N SER B 148 14.01 12.81 -0.69
CA SER B 148 15.04 13.22 0.27
C SER B 148 14.45 13.54 1.66
N LEU B 149 13.35 14.31 1.67
CA LEU B 149 12.72 14.78 2.92
C LEU B 149 11.80 13.75 3.56
N LEU B 150 11.68 12.60 2.91
CA LEU B 150 10.97 11.47 3.48
C LEU B 150 11.94 10.71 4.34
N THR B 151 13.11 10.46 3.76
CA THR B 151 14.21 9.74 4.40
C THR B 151 14.83 10.53 5.57
N LYS B 152 14.70 11.85 5.57
CA LYS B 152 15.07 12.67 6.75
C LYS B 152 14.08 12.48 7.91
N LEU B 153 12.78 12.59 7.62
CA LEU B 153 11.73 12.34 8.63
C LEU B 153 11.78 10.92 9.14
N GLN B 154 12.09 10.00 8.23
CA GLN B 154 11.98 8.58 8.52
C GLN B 154 13.23 8.02 9.17
N ALA B 155 14.24 8.87 9.37
CA ALA B 155 15.45 8.47 10.09
C ALA B 155 15.67 9.25 11.40
N GLN B 156 14.66 9.98 11.84
CA GLN B 156 14.68 10.65 13.15
C GLN B 156 14.34 9.59 14.20
N ASN B 157 14.53 9.90 15.47
CA ASN B 157 14.10 8.96 16.53
C ASN B 157 12.58 8.97 16.73
N GLN B 158 12.07 7.95 17.41
CA GLN B 158 10.63 7.78 17.59
C GLN B 158 9.97 9.00 18.24
N TRP B 159 10.65 9.60 19.21
CA TRP B 159 10.16 10.81 19.86
C TRP B 159 9.90 11.89 18.81
N LEU B 160 10.88 12.12 17.94
CA LEU B 160 10.75 13.07 16.84
C LEU B 160 9.74 12.61 15.78
N GLN B 161 9.68 11.32 15.54
CA GLN B 161 8.79 10.82 14.49
C GLN B 161 7.31 10.87 14.89
N ASP B 162 7.06 10.70 16.19
CA ASP B 162 5.72 10.79 16.72
C ASP B 162 5.32 12.23 16.93
N MET B 163 6.31 13.11 17.11
CA MET B 163 6.06 14.57 17.11
C MET B 163 5.66 15.04 15.73
N THR B 164 6.34 14.54 14.71
CA THR B 164 6.04 14.85 13.32
C THR B 164 4.63 14.38 12.97
N THR B 165 4.36 13.11 13.20
CA THR B 165 3.02 12.52 13.09
C THR B 165 1.97 13.41 13.75
N HIS B 166 2.11 13.64 15.05
CA HIS B 166 1.14 14.48 15.76
C HIS B 166 0.84 15.75 14.99
N LEU B 167 1.87 16.53 14.68
CA LEU B 167 1.59 17.85 14.12
C LEU B 167 1.25 17.86 12.62
N ILE B 168 1.53 16.75 11.92
CA ILE B 168 1.05 16.55 10.55
C ILE B 168 -0.47 16.40 10.56
N LEU B 169 -0.95 15.49 11.41
CA LEU B 169 -2.39 15.24 11.54
C LEU B 169 -3.15 16.50 11.94
N ARG B 170 -2.62 17.25 12.90
CA ARG B 170 -3.28 18.48 13.33
C ARG B 170 -3.23 19.59 12.26
N SER B 171 -2.18 19.63 11.45
CA SER B 171 -2.12 20.63 10.37
C SER B 171 -2.93 20.21 9.16
N PHE B 172 -3.24 18.93 9.09
CA PHE B 172 -4.10 18.41 8.04
C PHE B 172 -5.56 18.71 8.44
N LYS B 173 -5.88 18.50 9.72
CA LYS B 173 -7.18 18.84 10.26
C LYS B 173 -7.45 20.35 10.13
N GLU B 174 -6.51 21.18 10.55
CA GLU B 174 -6.64 22.65 10.40
C GLU B 174 -7.01 22.94 8.96
N PHE B 175 -6.18 22.46 8.04
CA PHE B 175 -6.32 22.75 6.62
C PHE B 175 -7.62 22.26 5.98
N LEU B 176 -8.12 21.11 6.43
CA LEU B 176 -9.33 20.56 5.84
C LEU B 176 -10.56 21.30 6.34
N GLN B 177 -10.63 21.52 7.65
CA GLN B 177 -11.77 22.20 8.26
C GLN B 177 -11.96 23.55 7.61
N SER B 178 -10.90 24.34 7.55
CA SER B 178 -10.99 25.65 6.92
C SER B 178 -11.22 25.59 5.41
N SER B 179 -10.85 24.47 4.78
CA SER B 179 -11.19 24.24 3.37
C SER B 179 -12.67 23.93 3.20
N LEU B 180 -13.19 23.01 4.01
CA LEU B 180 -14.63 22.74 4.02
C LEU B 180 -15.40 24.06 4.18
N ARG B 181 -14.92 24.93 5.06
CA ARG B 181 -15.58 26.22 5.28
C ARG B 181 -15.59 27.11 4.04
N ALA B 182 -14.40 27.34 3.47
CA ALA B 182 -14.26 28.14 2.24
C ALA B 182 -15.10 27.55 1.11
N LEU B 183 -15.07 26.23 0.98
CA LEU B 183 -15.82 25.55 -0.08
C LEU B 183 -17.32 25.63 0.11
N ARG B 184 -17.75 25.76 1.37
CA ARG B 184 -19.16 25.99 1.66
C ARG B 184 -19.61 27.39 1.22
N GLN B 185 -18.76 28.06 0.43
CA GLN B 185 -19.12 29.30 -0.28
C GLN B 185 -18.69 29.30 -1.77
N MET B 186 -17.42 28.95 -2.05
CA MET B 186 -16.90 28.75 -3.43
C MET B 186 -15.44 28.25 -3.54
N ARG C 18 -18.34 -19.04 13.21
CA ARG C 18 -17.43 -19.97 12.49
C ARG C 18 -16.72 -20.91 13.45
N GLN C 19 -16.27 -22.06 12.94
CA GLN C 19 -15.56 -23.08 13.73
C GLN C 19 -14.02 -22.89 13.64
N PRO C 20 -13.28 -23.40 14.64
CA PRO C 20 -11.81 -23.23 14.67
C PRO C 20 -11.02 -24.30 13.90
N LEU C 21 -9.84 -23.93 13.39
CA LEU C 21 -9.00 -24.85 12.61
C LEU C 21 -7.60 -25.00 13.22
N THR C 22 -6.92 -26.11 12.88
CA THR C 22 -5.51 -26.33 13.31
C THR C 22 -4.53 -25.43 12.57
N SER C 23 -3.28 -25.41 13.01
CA SER C 23 -2.23 -24.62 12.37
C SER C 23 -1.94 -25.04 10.93
N SER C 24 -1.95 -26.35 10.67
CA SER C 24 -1.77 -26.92 9.33
C SER C 24 -2.96 -26.67 8.41
N GLU C 25 -4.15 -26.60 9.00
CA GLU C 25 -5.37 -26.39 8.23
C GLU C 25 -5.64 -24.91 8.00
N ARG C 26 -4.83 -24.06 8.62
CA ARG C 26 -4.83 -22.63 8.39
C ARG C 26 -3.91 -22.31 7.20
N ILE C 27 -2.70 -22.87 7.26
CA ILE C 27 -1.72 -22.81 6.17
C ILE C 27 -2.32 -23.23 4.82
N ASP C 28 -2.98 -24.38 4.81
CA ASP C 28 -3.66 -24.93 3.62
C ASP C 28 -4.73 -24.01 3.04
N LYS C 29 -5.44 -23.31 3.92
CA LYS C 29 -6.47 -22.35 3.53
C LYS C 29 -5.81 -21.02 3.11
N GLN C 30 -4.77 -20.63 3.84
CA GLN C 30 -3.99 -19.43 3.52
C GLN C 30 -3.42 -19.48 2.10
N ILE C 31 -2.96 -20.66 1.68
CA ILE C 31 -2.45 -20.83 0.33
C ILE C 31 -3.61 -20.76 -0.67
N ARG C 32 -4.61 -21.61 -0.48
CA ARG C 32 -5.79 -21.59 -1.33
C ARG C 32 -6.34 -20.17 -1.52
N TYR C 33 -6.43 -19.40 -0.44
CA TYR C 33 -6.85 -18.00 -0.55
C TYR C 33 -6.01 -17.18 -1.50
N ILE C 34 -4.68 -17.29 -1.35
CA ILE C 34 -3.74 -16.56 -2.21
C ILE C 34 -3.84 -17.01 -3.69
N LEU C 35 -4.07 -18.31 -3.92
CA LEU C 35 -4.14 -18.83 -5.30
C LEU C 35 -5.35 -18.34 -6.08
N ASP C 36 -6.42 -18.00 -5.36
CA ASP C 36 -7.62 -17.46 -5.97
C ASP C 36 -7.48 -15.94 -6.22
N GLY C 37 -6.73 -15.25 -5.35
CA GLY C 37 -6.41 -13.85 -5.56
C GLY C 37 -5.39 -13.61 -6.68
N ILE C 38 -4.75 -14.68 -7.12
CA ILE C 38 -3.79 -14.62 -8.22
C ILE C 38 -4.51 -14.88 -9.55
N SER C 39 -5.34 -15.91 -9.56
CA SER C 39 -6.18 -16.22 -10.71
C SER C 39 -6.96 -14.99 -11.17
N ALA C 40 -7.40 -14.18 -10.20
CA ALA C 40 -8.11 -12.95 -10.47
C ALA C 40 -7.18 -11.89 -11.06
N LEU C 41 -6.02 -11.69 -10.42
CA LEU C 41 -4.99 -10.81 -10.95
C LEU C 41 -4.64 -11.18 -12.39
N ARG C 42 -4.07 -12.37 -12.56
CA ARG C 42 -3.57 -12.89 -13.86
C ARG C 42 -4.53 -12.75 -15.05
N LYS C 43 -5.84 -12.80 -14.79
CA LYS C 43 -6.86 -12.64 -15.83
C LYS C 43 -6.79 -11.28 -16.54
N GLU C 44 -6.61 -10.20 -15.77
CA GLU C 44 -6.52 -8.84 -16.30
C GLU C 44 -5.28 -8.58 -17.18
N THR C 45 -4.09 -8.87 -16.64
CA THR C 45 -2.84 -8.74 -17.41
C THR C 45 -2.57 -10.00 -18.23
N ASN C 62 12.66 -15.19 -18.24
CA ASN C 62 13.29 -14.89 -19.52
C ASN C 62 14.75 -14.47 -19.37
N ASN C 63 15.00 -13.64 -18.36
CA ASN C 63 16.36 -13.27 -17.93
C ASN C 63 16.40 -13.00 -16.42
N LEU C 64 15.25 -13.18 -15.77
CA LEU C 64 15.10 -12.97 -14.32
C LEU C 64 15.54 -14.21 -13.53
N ASN C 65 15.47 -14.08 -12.20
CA ASN C 65 15.77 -15.21 -11.29
C ASN C 65 14.62 -15.38 -10.29
N LEU C 66 13.70 -16.28 -10.62
CA LEU C 66 12.51 -16.52 -9.78
C LEU C 66 12.59 -17.85 -9.06
N PRO C 67 12.11 -17.89 -7.80
CA PRO C 67 12.14 -19.13 -7.01
C PRO C 67 11.44 -20.25 -7.75
N LYS C 68 12.11 -21.39 -7.86
CA LYS C 68 11.58 -22.51 -8.62
C LYS C 68 11.90 -23.78 -7.87
N MET C 69 10.86 -24.52 -7.51
CA MET C 69 11.02 -25.85 -6.92
C MET C 69 11.81 -26.78 -7.83
N ALA C 70 12.75 -27.50 -7.22
CA ALA C 70 13.55 -28.52 -7.91
C ALA C 70 13.65 -29.75 -7.03
N GLU C 71 14.14 -30.86 -7.58
CA GLU C 71 14.31 -32.11 -6.85
C GLU C 71 15.14 -31.92 -5.57
N LYS C 72 16.19 -31.09 -5.66
CA LYS C 72 17.05 -30.74 -4.50
C LYS C 72 16.30 -30.18 -3.29
N ASP C 73 15.17 -29.51 -3.53
CA ASP C 73 14.35 -28.92 -2.46
C ASP C 73 13.74 -29.96 -1.53
N GLY C 74 13.31 -31.08 -2.09
CA GLY C 74 12.77 -32.19 -1.30
C GLY C 74 11.29 -32.10 -1.02
N CYS C 75 10.55 -31.42 -1.91
CA CYS C 75 9.10 -31.30 -1.81
C CYS C 75 8.33 -32.28 -2.70
N PHE C 76 9.02 -33.32 -3.19
CA PHE C 76 8.40 -34.32 -4.07
C PHE C 76 8.38 -35.74 -3.50
N GLN C 77 7.38 -36.52 -3.92
CA GLN C 77 7.16 -37.89 -3.41
C GLN C 77 8.44 -38.69 -3.15
N SER C 78 9.41 -38.54 -4.04
CA SER C 78 10.75 -39.11 -3.85
C SER C 78 11.82 -38.03 -3.70
N GLY C 79 12.86 -38.35 -2.93
CA GLY C 79 13.87 -37.38 -2.52
C GLY C 79 13.30 -36.42 -1.49
N PHE C 80 12.19 -36.83 -0.88
CA PHE C 80 11.40 -36.00 0.03
C PHE C 80 12.08 -35.80 1.38
N ASN C 81 11.87 -34.62 1.95
CA ASN C 81 12.33 -34.30 3.31
C ASN C 81 11.61 -33.07 3.84
N GLU C 82 10.80 -33.27 4.87
CA GLU C 82 9.99 -32.22 5.49
C GLU C 82 10.78 -30.96 5.83
N GLU C 83 11.93 -31.14 6.50
CA GLU C 83 12.74 -30.01 6.96
C GLU C 83 13.22 -29.11 5.82
N THR C 84 13.92 -29.69 4.84
CA THR C 84 14.46 -28.94 3.70
C THR C 84 13.35 -28.33 2.85
N CYS C 85 12.36 -29.15 2.49
CA CYS C 85 11.17 -28.69 1.77
C CYS C 85 10.56 -27.48 2.48
N LEU C 86 10.30 -27.63 3.78
CA LEU C 86 9.76 -26.54 4.58
C LEU C 86 10.59 -25.26 4.41
N VAL C 87 11.91 -25.37 4.64
CA VAL C 87 12.86 -24.26 4.50
C VAL C 87 12.74 -23.57 3.13
N LYS C 88 12.77 -24.34 2.05
CA LYS C 88 12.68 -23.78 0.71
C LYS C 88 11.34 -23.08 0.43
N ILE C 89 10.25 -23.64 0.95
CA ILE C 89 8.93 -23.00 0.85
C ILE C 89 8.99 -21.59 1.46
N ILE C 90 9.57 -21.48 2.66
CA ILE C 90 9.76 -20.17 3.27
C ILE C 90 10.66 -19.34 2.37
N THR C 91 11.92 -19.77 2.24
CA THR C 91 12.94 -19.08 1.45
C THR C 91 12.38 -18.55 0.13
N GLY C 92 11.84 -19.43 -0.70
CA GLY C 92 11.28 -19.03 -1.98
C GLY C 92 10.20 -17.96 -1.87
N LEU C 93 9.40 -18.01 -0.80
CA LEU C 93 8.34 -17.04 -0.57
C LEU C 93 8.88 -15.72 -0.09
N LEU C 94 10.01 -15.76 0.60
CA LEU C 94 10.72 -14.53 0.96
C LEU C 94 11.29 -13.88 -0.28
N GLU C 95 11.78 -14.71 -1.19
CA GLU C 95 12.38 -14.20 -2.42
C GLU C 95 11.35 -13.51 -3.29
N PHE C 96 10.15 -14.09 -3.33
CA PHE C 96 9.04 -13.56 -4.13
C PHE C 96 8.58 -12.18 -3.72
N GLU C 97 8.71 -11.85 -2.44
CA GLU C 97 8.16 -10.59 -1.90
C GLU C 97 8.48 -9.35 -2.73
N VAL C 98 9.76 -9.13 -2.99
CA VAL C 98 10.20 -7.99 -3.78
C VAL C 98 9.49 -7.95 -5.15
N TYR C 99 9.18 -9.12 -5.70
CA TYR C 99 8.48 -9.23 -6.98
C TYR C 99 6.99 -8.93 -6.88
N LEU C 100 6.41 -9.19 -5.71
CA LEU C 100 5.01 -8.87 -5.49
C LEU C 100 4.89 -7.38 -5.20
N GLU C 101 5.91 -6.81 -4.58
CA GLU C 101 5.94 -5.36 -4.40
C GLU C 101 5.98 -4.70 -5.78
N TYR C 102 6.73 -5.30 -6.70
CA TYR C 102 6.76 -4.87 -8.10
C TYR C 102 5.38 -4.97 -8.78
N LEU C 103 4.52 -5.85 -8.28
CA LEU C 103 3.19 -6.01 -8.86
C LEU C 103 2.23 -4.84 -8.57
N GLN C 104 2.32 -4.26 -7.38
CA GLN C 104 1.42 -3.16 -6.99
C GLN C 104 1.07 -2.24 -8.17
N ASN C 105 2.10 -1.60 -8.75
CA ASN C 105 1.89 -0.66 -9.86
C ASN C 105 1.46 -1.33 -11.19
N ARG C 106 1.61 -2.64 -11.29
CA ARG C 106 1.22 -3.37 -12.50
C ARG C 106 -0.29 -3.67 -12.59
N PHE C 107 -1.04 -3.23 -11.57
CA PHE C 107 -2.49 -3.44 -11.54
C PHE C 107 -3.17 -2.19 -10.98
N GLU C 108 -2.90 -1.04 -11.60
CA GLU C 108 -3.48 0.25 -11.21
C GLU C 108 -5.01 0.22 -11.23
N SER C 109 -5.58 -0.65 -12.07
CA SER C 109 -7.02 -0.85 -12.13
C SER C 109 -7.47 -2.02 -11.26
N SER C 110 -6.56 -2.54 -10.44
CA SER C 110 -6.92 -3.50 -9.39
C SER C 110 -5.91 -3.46 -8.20
N GLU C 111 -5.69 -2.24 -7.69
CA GLU C 111 -4.66 -1.94 -6.68
C GLU C 111 -4.84 -2.74 -5.38
N GLU C 112 -6.09 -2.95 -4.96
CA GLU C 112 -6.38 -3.74 -3.75
C GLU C 112 -6.20 -5.24 -3.94
N GLN C 113 -6.52 -5.77 -5.13
CA GLN C 113 -6.30 -7.20 -5.39
C GLN C 113 -4.83 -7.55 -5.34
N ALA C 114 -3.98 -6.66 -5.86
CA ALA C 114 -2.53 -6.87 -5.77
C ALA C 114 -2.09 -6.79 -4.32
N ARG C 115 -2.58 -5.77 -3.62
CA ARG C 115 -2.27 -5.57 -2.21
C ARG C 115 -2.74 -6.75 -1.33
N ALA C 116 -3.96 -7.23 -1.53
CA ALA C 116 -4.41 -8.40 -0.76
C ALA C 116 -3.42 -9.53 -0.97
N VAL C 117 -3.22 -9.94 -2.22
CA VAL C 117 -2.23 -10.97 -2.57
C VAL C 117 -0.89 -10.76 -1.88
N GLN C 118 -0.39 -9.52 -1.88
CA GLN C 118 0.91 -9.26 -1.29
C GLN C 118 0.92 -9.47 0.22
N MET C 119 -0.09 -8.93 0.90
CA MET C 119 -0.16 -8.98 2.35
C MET C 119 -0.67 -10.32 2.85
N SER C 120 -1.41 -11.03 2.03
CA SER C 120 -1.87 -12.36 2.40
C SER C 120 -0.71 -13.32 2.32
N THR C 121 0.31 -12.92 1.58
CA THR C 121 1.53 -13.72 1.50
C THR C 121 2.44 -13.42 2.66
N LYS C 122 2.44 -12.16 3.10
CA LYS C 122 3.17 -11.77 4.32
C LYS C 122 2.77 -12.65 5.48
N VAL C 123 1.46 -12.83 5.63
CA VAL C 123 0.88 -13.66 6.69
C VAL C 123 1.33 -15.12 6.55
N LEU C 124 1.14 -15.69 5.36
CA LEU C 124 1.51 -17.07 5.10
C LEU C 124 2.92 -17.36 5.61
N ILE C 125 3.85 -16.47 5.29
CA ILE C 125 5.25 -16.60 5.71
C ILE C 125 5.32 -16.76 7.23
N GLN C 126 4.77 -15.80 7.97
CA GLN C 126 4.70 -15.88 9.43
C GLN C 126 4.15 -17.21 9.91
N PHE C 127 2.99 -17.62 9.37
CA PHE C 127 2.41 -18.93 9.74
C PHE C 127 3.45 -20.03 9.60
N LEU C 128 4.01 -20.14 8.39
CA LEU C 128 5.13 -21.03 8.11
C LEU C 128 6.33 -20.90 9.05
N GLN C 129 6.67 -19.67 9.45
CA GLN C 129 7.81 -19.43 10.34
C GLN C 129 7.59 -19.97 11.76
N LYS C 130 6.33 -19.98 12.20
CA LYS C 130 5.94 -20.55 13.50
C LYS C 130 6.03 -22.06 13.45
N LYS C 131 5.75 -22.62 12.27
CA LYS C 131 5.83 -24.08 12.07
C LYS C 131 7.28 -24.55 11.96
N ALA C 132 8.21 -23.59 11.98
CA ALA C 132 9.65 -23.86 11.90
C ALA C 132 10.34 -23.79 13.26
N ILE C 138 16.48 -18.16 8.89
CA ILE C 138 16.57 -18.81 7.59
C ILE C 138 17.26 -17.91 6.55
N THR C 139 17.24 -18.35 5.30
CA THR C 139 17.80 -17.59 4.18
C THR C 139 16.91 -16.39 3.84
N THR C 140 17.37 -15.20 4.24
CA THR C 140 16.70 -13.93 3.92
C THR C 140 17.63 -13.00 3.12
N PRO C 141 17.26 -12.68 1.87
CA PRO C 141 18.10 -11.85 0.99
C PRO C 141 18.33 -10.45 1.53
N ASP C 142 19.37 -9.78 1.02
CA ASP C 142 19.78 -8.46 1.51
C ASP C 142 18.66 -7.41 1.35
N PRO C 143 18.49 -6.54 2.38
CA PRO C 143 17.49 -5.47 2.34
C PRO C 143 17.95 -4.24 1.56
N THR C 144 18.99 -4.42 0.73
CA THR C 144 19.56 -3.32 -0.05
C THR C 144 19.88 -3.69 -1.51
N THR C 145 19.83 -4.99 -1.83
CA THR C 145 20.03 -5.48 -3.20
C THR C 145 18.68 -5.63 -3.91
N ASN C 146 17.63 -5.88 -3.13
CA ASN C 146 16.26 -6.00 -3.64
C ASN C 146 15.73 -4.73 -4.30
N ALA C 147 16.26 -3.58 -3.89
CA ALA C 147 15.85 -2.29 -4.45
C ALA C 147 16.44 -2.03 -5.85
N SER C 148 17.72 -2.36 -6.02
CA SER C 148 18.41 -2.19 -7.30
C SER C 148 17.70 -2.94 -8.43
N LEU C 149 17.16 -4.11 -8.08
CA LEU C 149 16.39 -4.94 -8.99
C LEU C 149 15.05 -4.29 -9.26
N LEU C 150 14.45 -3.76 -8.20
CA LEU C 150 13.12 -3.16 -8.26
C LEU C 150 13.13 -1.88 -9.09
N THR C 151 14.12 -1.05 -8.85
CA THR C 151 14.24 0.22 -9.58
C THR C 151 14.59 -0.02 -11.06
N LYS C 152 15.35 -1.08 -11.33
CA LYS C 152 15.72 -1.47 -12.70
C LYS C 152 14.53 -2.06 -13.47
N LEU C 153 13.85 -3.05 -12.88
CA LEU C 153 12.65 -3.62 -13.48
C LEU C 153 11.73 -2.53 -14.01
N GLN C 154 11.56 -1.47 -13.22
CA GLN C 154 10.66 -0.38 -13.56
C GLN C 154 11.14 0.48 -14.73
N ALA C 155 12.40 0.32 -15.13
CA ALA C 155 12.96 1.05 -16.26
C ALA C 155 12.77 0.36 -17.64
N GLN C 156 12.24 -0.87 -17.62
CA GLN C 156 11.88 -1.62 -18.83
C GLN C 156 10.71 -0.95 -19.57
N ASN C 157 10.66 -1.06 -20.90
CA ASN C 157 9.49 -0.60 -21.68
C ASN C 157 8.26 -1.44 -21.38
N GLN C 158 7.08 -1.01 -21.84
CA GLN C 158 5.81 -1.61 -21.37
C GLN C 158 5.53 -3.06 -21.82
N TRP C 159 6.28 -3.58 -22.79
CA TRP C 159 6.16 -5.00 -23.15
C TRP C 159 6.91 -5.91 -22.18
N LEU C 160 8.10 -5.47 -21.77
CA LEU C 160 8.94 -6.24 -20.85
C LEU C 160 8.32 -6.30 -19.47
N GLN C 161 7.75 -5.18 -19.05
CA GLN C 161 6.94 -5.16 -17.83
C GLN C 161 5.78 -6.16 -17.96
N ASP C 162 5.04 -6.09 -19.06
CA ASP C 162 3.96 -7.04 -19.33
C ASP C 162 4.44 -8.49 -19.21
N MET C 163 5.60 -8.79 -19.82
CA MET C 163 6.16 -10.13 -19.75
C MET C 163 6.60 -10.44 -18.32
N THR C 164 7.38 -9.54 -17.74
CA THR C 164 7.79 -9.68 -16.33
C THR C 164 6.62 -9.92 -15.38
N THR C 165 5.50 -9.29 -15.66
CA THR C 165 4.29 -9.48 -14.84
C THR C 165 3.72 -10.89 -15.00
N HIS C 166 3.57 -11.34 -16.24
CA HIS C 166 2.98 -12.64 -16.53
C HIS C 166 3.83 -13.80 -16.02
N LEU C 167 5.14 -13.58 -15.88
CA LEU C 167 5.97 -14.65 -15.40
C LEU C 167 6.21 -14.64 -13.89
N ILE C 168 5.99 -13.49 -13.25
CA ILE C 168 5.97 -13.43 -11.79
C ILE C 168 4.79 -14.31 -11.32
N LEU C 169 3.62 -14.04 -11.88
CA LEU C 169 2.41 -14.75 -11.50
C LEU C 169 2.52 -16.24 -11.75
N ARG C 170 3.01 -16.60 -12.95
CA ARG C 170 3.17 -18.01 -13.35
C ARG C 170 4.04 -18.77 -12.36
N SER C 171 5.23 -18.28 -12.10
CA SER C 171 6.12 -18.92 -11.14
C SER C 171 5.42 -19.07 -9.80
N PHE C 172 4.98 -17.93 -9.25
CA PHE C 172 4.36 -17.84 -7.93
C PHE C 172 3.18 -18.82 -7.77
N LYS C 173 2.31 -18.91 -8.78
CA LYS C 173 1.22 -19.89 -8.81
C LYS C 173 1.76 -21.33 -8.73
N GLU C 174 2.65 -21.68 -9.65
CA GLU C 174 3.31 -23.01 -9.66
C GLU C 174 4.03 -23.30 -8.33
N PHE C 175 4.74 -22.30 -7.82
CA PHE C 175 5.39 -22.42 -6.53
C PHE C 175 4.38 -22.70 -5.39
N LEU C 176 3.29 -21.95 -5.37
CA LEU C 176 2.24 -22.17 -4.36
C LEU C 176 1.50 -23.48 -4.63
N GLN C 177 1.38 -23.86 -5.91
CA GLN C 177 0.75 -25.14 -6.29
C GLN C 177 1.54 -26.30 -5.73
N SER C 178 2.87 -26.18 -5.78
CA SER C 178 3.76 -27.18 -5.24
C SER C 178 3.86 -27.17 -3.71
N SER C 179 3.94 -25.98 -3.13
CA SER C 179 3.94 -25.83 -1.67
C SER C 179 2.73 -26.52 -1.03
N LEU C 180 1.55 -26.32 -1.61
CA LEU C 180 0.30 -26.87 -1.08
C LEU C 180 0.34 -28.39 -1.10
N ARG C 181 0.71 -28.95 -2.25
CA ARG C 181 0.81 -30.38 -2.42
C ARG C 181 1.81 -31.00 -1.44
N ALA C 182 2.94 -30.32 -1.26
CA ALA C 182 3.99 -30.77 -0.35
C ALA C 182 3.53 -30.77 1.09
N LEU C 183 2.86 -29.69 1.51
CA LEU C 183 2.36 -29.58 2.88
C LEU C 183 1.22 -30.57 3.17
N ARG C 184 0.44 -30.89 2.13
CA ARG C 184 -0.62 -31.89 2.24
C ARG C 184 -0.04 -33.31 2.40
N GLN C 185 1.26 -33.35 2.70
CA GLN C 185 2.01 -34.57 2.97
C GLN C 185 2.90 -34.33 4.20
N MET C 186 3.61 -33.20 4.18
CA MET C 186 4.39 -32.68 5.32
C MET C 186 4.73 -31.17 5.18
#